data_6EX5
#
_entry.id   6EX5
#
_cell.length_a   57.979
_cell.length_b   58.206
_cell.length_c   128.379
_cell.angle_alpha   90.00
_cell.angle_beta   90.00
_cell.angle_gamma   90.00
#
_symmetry.space_group_name_H-M   'P 21 21 21'
#
loop_
_entity.id
_entity.type
_entity.pdbx_description
1 polymer 'Superoxide dismutase'
2 non-polymer 'MANGANESE (II) ION'
3 water water
#
_entity_poly.entity_id   1
_entity_poly.type   'polypeptide(L)'
_entity_poly.pdbx_seq_one_letter_code
;AFKLPNLPYAYDALEPYFDQRTMEFHHDKHHNTYVTKLNATVEGTELEHQSLADMIANLDKVPEAMRMSVRNNGGGHFNH
SLFWEILSPNSEEKGGVIDDIKAQWGTLDEFKNEFANKATTLFGSGWTWLVVNDGKLEIVTTPNQDNPLTEGKTPILGLD
VWEHAYYLKYQNKRPDYMTAFWNIVNWKKVDELYQAAK
;
_entity_poly.pdbx_strand_id   A,B
#
loop_
_chem_comp.id
_chem_comp.type
_chem_comp.name
_chem_comp.formula
MN non-polymer 'MANGANESE (II) ION' 'Mn 2'
#
# COMPACT_ATOMS: atom_id res chain seq x y z
N ALA A 1 -21.82 16.59 -8.24
CA ALA A 1 -20.87 15.47 -8.39
C ALA A 1 -19.46 15.98 -8.52
N PHE A 2 -18.54 15.25 -7.92
CA PHE A 2 -17.12 15.52 -8.08
C PHE A 2 -16.69 14.97 -9.44
N LYS A 3 -15.66 15.58 -10.00
CA LYS A 3 -15.18 15.31 -11.38
C LYS A 3 -13.69 14.99 -11.35
N LEU A 4 -13.25 14.11 -12.24
CA LEU A 4 -11.83 13.84 -12.38
C LEU A 4 -11.22 15.07 -13.07
N PRO A 5 -10.28 15.77 -12.41
CA PRO A 5 -9.71 16.93 -13.09
C PRO A 5 -8.73 16.51 -14.17
N ASN A 6 -8.75 17.21 -15.29
CA ASN A 6 -7.75 17.07 -16.32
C ASN A 6 -6.39 17.42 -15.73
N LEU A 7 -5.36 16.72 -16.16
CA LEU A 7 -3.98 17.14 -15.90
C LEU A 7 -3.72 18.53 -16.50
N PRO A 8 -2.85 19.33 -15.86
CA PRO A 8 -2.53 20.66 -16.45
C PRO A 8 -1.46 20.58 -17.54
N TYR A 9 -0.99 19.37 -17.88
CA TYR A 9 0.07 19.12 -18.86
C TYR A 9 -0.23 17.76 -19.53
N ALA A 10 0.55 17.45 -20.56
CA ALA A 10 0.42 16.17 -21.27
C ALA A 10 0.89 15.00 -20.41
N TYR A 11 0.48 13.79 -20.78
CA TYR A 11 0.87 12.60 -20.03
C TYR A 11 2.38 12.37 -20.09
N ASP A 12 3.03 12.83 -21.15
CA ASP A 12 4.50 12.72 -21.30
C ASP A 12 5.31 13.90 -20.76
N ALA A 13 4.66 14.85 -20.06
CA ALA A 13 5.28 16.15 -19.81
C ALA A 13 6.40 16.05 -18.76
N LEU A 14 6.31 15.02 -17.94
CA LEU A 14 7.19 14.80 -16.81
C LEU A 14 8.29 13.77 -17.10
N GLU A 15 8.40 13.32 -18.36
CA GLU A 15 9.47 12.44 -18.83
C GLU A 15 10.80 13.19 -18.72
N PRO A 16 11.92 12.50 -18.51
CA PRO A 16 12.02 11.07 -18.26
C PRO A 16 11.93 10.73 -16.75
N TYR A 17 11.32 11.59 -15.95
CA TYR A 17 11.31 11.39 -14.48
C TYR A 17 10.12 10.54 -14.05
N PHE A 18 8.92 10.94 -14.49
CA PHE A 18 7.69 10.16 -14.27
C PHE A 18 7.26 9.72 -15.67
N ASP A 19 7.11 8.41 -15.87
CA ASP A 19 6.82 7.84 -17.17
C ASP A 19 5.37 8.09 -17.60
N GLN A 20 5.19 8.24 -18.92
CA GLN A 20 3.88 8.48 -19.53
C GLN A 20 2.87 7.40 -19.17
N ARG A 21 3.32 6.15 -19.22
CA ARG A 21 2.43 5.03 -19.02
C ARG A 21 1.85 5.06 -17.62
N THR A 22 2.70 5.35 -16.64
CA THR A 22 2.23 5.51 -15.29
C THR A 22 1.27 6.67 -15.15
N MET A 23 1.58 7.80 -15.77
CA MET A 23 0.70 8.97 -15.63
C MET A 23 -0.74 8.66 -16.11
N GLU A 24 -0.82 7.88 -17.19
CA GLU A 24 -2.09 7.40 -17.75
C GLU A 24 -2.85 6.52 -16.76
N PHE A 25 -2.23 5.42 -16.30
CA PHE A 25 -2.92 4.58 -15.29
C PHE A 25 -3.28 5.39 -14.03
N HIS A 26 -2.30 6.15 -13.53
CA HIS A 26 -2.42 6.82 -12.24
C HIS A 26 -3.57 7.85 -12.24
N HIS A 27 -3.68 8.61 -13.33
CA HIS A 27 -4.71 9.66 -13.44
C HIS A 27 -6.01 9.01 -13.93
N ASP A 28 -5.96 8.24 -15.02
CA ASP A 28 -7.22 7.82 -15.67
C ASP A 28 -7.93 6.63 -15.02
N LYS A 29 -7.21 5.82 -14.24
CA LYS A 29 -7.78 4.68 -13.55
C LYS A 29 -7.81 4.91 -12.05
N HIS A 30 -6.66 5.12 -11.42
CA HIS A 30 -6.63 5.25 -9.94
C HIS A 30 -7.38 6.46 -9.44
N HIS A 31 -7.03 7.64 -9.93
CA HIS A 31 -7.72 8.84 -9.48
C HIS A 31 -9.23 8.80 -9.83
N ASN A 32 -9.53 8.39 -11.06
CA ASN A 32 -10.89 8.26 -11.49
C ASN A 32 -11.72 7.36 -10.54
N THR A 33 -11.15 6.23 -10.13
CA THR A 33 -11.85 5.35 -9.21
C THR A 33 -12.17 5.99 -7.86
N TYR A 34 -11.24 6.75 -7.30
CA TYR A 34 -11.52 7.53 -6.09
C TYR A 34 -12.70 8.48 -6.26
N VAL A 35 -12.77 9.16 -7.41
CA VAL A 35 -13.88 10.10 -7.70
C VAL A 35 -15.21 9.37 -7.78
N THR A 36 -15.25 8.23 -8.47
CA THR A 36 -16.49 7.51 -8.66
C THR A 36 -17.02 6.94 -7.34
N LYS A 37 -16.12 6.36 -6.57
CA LYS A 37 -16.44 5.83 -5.26
C LYS A 37 -16.83 6.92 -4.27
N LEU A 38 -16.20 8.09 -4.33
CA LEU A 38 -16.65 9.22 -3.48
C LEU A 38 -18.07 9.66 -3.84
N ASN A 39 -18.31 9.84 -5.13
CA ASN A 39 -19.67 10.15 -5.61
C ASN A 39 -20.70 9.12 -5.13
N ALA A 40 -20.33 7.83 -5.13
CA ALA A 40 -21.24 6.77 -4.68
C ALA A 40 -21.67 6.97 -3.23
N THR A 41 -20.76 7.50 -2.43
CA THR A 41 -21.04 7.74 -1.03
C THR A 41 -21.86 9.03 -0.79
N VAL A 42 -21.48 10.10 -1.45
CA VAL A 42 -22.10 11.40 -1.18
C VAL A 42 -23.35 11.73 -1.99
N GLU A 43 -23.58 11.06 -3.13
CA GLU A 43 -24.80 11.23 -3.96
CA GLU A 43 -24.78 11.33 -3.94
C GLU A 43 -26.06 11.24 -3.11
N GLY A 44 -26.87 12.30 -3.22
CA GLY A 44 -28.15 12.42 -2.53
C GLY A 44 -28.09 12.53 -1.02
N THR A 45 -26.96 12.98 -0.48
CA THR A 45 -26.80 13.29 0.94
C THR A 45 -26.43 14.78 1.06
N GLU A 46 -26.33 15.27 2.29
CA GLU A 46 -25.85 16.66 2.59
C GLU A 46 -24.41 16.92 2.15
N LEU A 47 -23.62 15.86 2.00
CA LEU A 47 -22.23 15.98 1.59
C LEU A 47 -22.04 16.30 0.10
N GLU A 48 -23.09 16.09 -0.70
CA GLU A 48 -23.02 16.36 -2.12
C GLU A 48 -22.60 17.79 -2.42
N HIS A 49 -23.11 18.74 -1.64
CA HIS A 49 -22.85 20.14 -1.91
C HIS A 49 -21.80 20.71 -0.98
N GLN A 50 -21.10 19.85 -0.26
CA GLN A 50 -20.00 20.28 0.60
C GLN A 50 -18.71 20.23 -0.21
N SER A 51 -17.82 21.17 0.03
CA SER A 51 -16.54 21.18 -0.68
C SER A 51 -15.66 20.04 -0.18
N LEU A 52 -14.80 19.58 -1.05
CA LEU A 52 -13.88 18.50 -0.71
C LEU A 52 -12.94 18.87 0.44
N ALA A 53 -12.35 20.06 0.36
CA ALA A 53 -11.49 20.57 1.45
C ALA A 53 -12.20 20.62 2.79
N ASP A 54 -13.46 21.04 2.79
CA ASP A 54 -14.21 21.13 4.02
C ASP A 54 -14.43 19.75 4.64
N MET A 55 -14.81 18.77 3.83
CA MET A 55 -15.05 17.41 4.37
C MET A 55 -13.76 16.70 4.85
N ILE A 56 -12.64 16.93 4.16
CA ILE A 56 -11.37 16.36 4.60
C ILE A 56 -10.92 17.03 5.89
N ALA A 57 -11.01 18.37 5.95
CA ALA A 57 -10.68 19.09 7.17
C ALA A 57 -11.55 18.66 8.32
N ASN A 58 -12.84 18.41 8.03
CA ASN A 58 -13.85 18.17 9.04
C ASN A 58 -14.35 16.73 8.97
N LEU A 59 -13.41 15.81 8.74
CA LEU A 59 -13.73 14.41 8.57
C LEU A 59 -14.48 13.87 9.75
N ASP A 60 -14.09 14.32 10.95
CA ASP A 60 -14.79 13.96 12.17
C ASP A 60 -16.29 14.23 12.19
N LYS A 61 -16.74 15.23 11.44
CA LYS A 61 -18.16 15.57 11.40
C LYS A 61 -18.94 14.81 10.33
N VAL A 62 -18.25 14.08 9.44
CA VAL A 62 -18.92 13.25 8.42
C VAL A 62 -19.64 12.13 9.21
N PRO A 63 -20.94 11.84 8.91
CA PRO A 63 -21.59 10.76 9.69
C PRO A 63 -20.83 9.43 9.59
N GLU A 64 -20.90 8.67 10.68
CA GLU A 64 -20.08 7.47 10.86
C GLU A 64 -20.17 6.53 9.67
N ALA A 65 -21.37 6.30 9.16
CA ALA A 65 -21.55 5.34 8.06
C ALA A 65 -20.87 5.74 6.74
N MET A 66 -20.63 7.05 6.56
CA MET A 66 -19.98 7.56 5.34
C MET A 66 -18.51 7.88 5.55
N ARG A 67 -18.04 7.85 6.79
CA ARG A 67 -16.74 8.43 7.08
C ARG A 67 -15.57 7.70 6.46
N MET A 68 -15.56 6.36 6.49
CA MET A 68 -14.43 5.59 5.92
C MET A 68 -14.25 5.87 4.41
N SER A 69 -15.37 5.90 3.69
CA SER A 69 -15.30 6.18 2.26
C SER A 69 -14.87 7.62 1.99
N VAL A 70 -15.38 8.60 2.73
CA VAL A 70 -14.94 9.98 2.52
C VAL A 70 -13.45 10.09 2.82
N ARG A 71 -13.04 9.49 3.95
CA ARG A 71 -11.63 9.44 4.31
C ARG A 71 -10.77 8.86 3.19
N ASN A 72 -11.17 7.66 2.72
CA ASN A 72 -10.36 6.90 1.73
C ASN A 72 -10.50 7.42 0.30
N ASN A 73 -11.73 7.56 -0.18
CA ASN A 73 -11.96 8.01 -1.55
C ASN A 73 -11.91 9.52 -1.70
N GLY A 74 -12.47 10.22 -0.72
CA GLY A 74 -12.35 11.68 -0.68
C GLY A 74 -10.88 12.03 -0.50
N GLY A 75 -10.19 11.36 0.43
CA GLY A 75 -8.71 11.54 0.52
C GLY A 75 -7.99 11.28 -0.80
N GLY A 76 -8.34 10.18 -1.47
CA GLY A 76 -7.79 9.86 -2.77
C GLY A 76 -7.98 10.99 -3.78
N HIS A 77 -9.20 11.52 -3.85
CA HIS A 77 -9.52 12.62 -4.77
C HIS A 77 -8.70 13.87 -4.42
N PHE A 78 -8.69 14.25 -3.15
CA PHE A 78 -8.01 15.44 -2.66
C PHE A 78 -6.50 15.38 -2.91
N ASN A 79 -5.93 14.24 -2.53
CA ASN A 79 -4.47 14.02 -2.60
C ASN A 79 -3.95 14.03 -4.02
N HIS A 80 -4.67 13.34 -4.92
CA HIS A 80 -4.24 13.28 -6.32
C HIS A 80 -4.50 14.61 -7.02
N SER A 81 -5.58 15.30 -6.66
CA SER A 81 -5.83 16.64 -7.21
C SER A 81 -4.65 17.55 -6.91
N LEU A 82 -4.18 17.51 -5.66
CA LEU A 82 -3.04 18.31 -5.25
C LEU A 82 -1.75 17.87 -5.95
N PHE A 83 -1.51 16.55 -5.97
CA PHE A 83 -0.33 15.95 -6.59
C PHE A 83 -0.14 16.48 -8.00
N TRP A 84 -1.17 16.41 -8.84
CA TRP A 84 -0.94 16.82 -10.22
C TRP A 84 -0.55 18.30 -10.32
N GLU A 85 -1.11 19.14 -9.45
CA GLU A 85 -0.86 20.58 -9.50
C GLU A 85 0.56 20.94 -9.02
N ILE A 86 1.16 20.12 -8.18
CA ILE A 86 2.51 20.40 -7.68
C ILE A 86 3.63 19.77 -8.51
N LEU A 87 3.28 19.17 -9.64
CA LEU A 87 4.28 18.66 -10.58
C LEU A 87 4.33 19.62 -11.74
N SER A 88 5.51 19.74 -12.34
CA SER A 88 5.68 20.63 -13.47
C SER A 88 6.92 20.28 -14.27
N PRO A 89 6.84 20.40 -15.60
CA PRO A 89 8.06 20.33 -16.43
C PRO A 89 8.98 21.53 -16.32
N ASN A 90 8.55 22.60 -15.64
CA ASN A 90 9.35 23.83 -15.55
C ASN A 90 9.77 24.10 -14.10
N SER A 91 10.33 23.09 -13.44
CA SER A 91 10.75 23.21 -12.03
C SER A 91 11.94 24.16 -11.86
N GLU A 92 11.77 25.18 -11.01
CA GLU A 92 12.85 26.08 -10.61
C GLU A 92 12.83 26.20 -9.09
N GLU A 93 13.97 25.91 -8.44
CA GLU A 93 14.08 25.94 -6.99
C GLU A 93 14.29 27.37 -6.47
N LYS A 94 13.24 28.19 -6.55
CA LYS A 94 13.27 29.56 -6.03
C LYS A 94 11.87 29.97 -5.61
N GLY A 95 11.77 31.05 -4.85
CA GLY A 95 10.51 31.53 -4.29
C GLY A 95 10.56 31.66 -2.78
N GLY A 96 9.60 32.40 -2.24
CA GLY A 96 9.46 32.59 -0.81
C GLY A 96 9.55 31.29 0.00
N VAL A 97 8.85 30.26 -0.47
CA VAL A 97 8.80 28.98 0.25
C VAL A 97 10.19 28.33 0.31
N ILE A 98 10.94 28.46 -0.80
CA ILE A 98 12.33 27.99 -0.84
C ILE A 98 13.20 28.76 0.13
N ASP A 99 13.06 30.09 0.19
CA ASP A 99 13.81 30.88 1.19
C ASP A 99 13.52 30.44 2.63
N ASP A 100 12.25 30.15 2.93
CA ASP A 100 11.88 29.78 4.29
C ASP A 100 12.29 28.34 4.64
N ILE A 101 12.23 27.43 3.66
CA ILE A 101 12.80 26.08 3.81
C ILE A 101 14.27 26.21 4.20
N LYS A 102 15.02 27.03 3.46
CA LYS A 102 16.43 27.20 3.75
C LYS A 102 16.67 27.83 5.13
N ALA A 103 15.82 28.78 5.54
CA ALA A 103 15.90 29.35 6.86
C ALA A 103 15.75 28.30 7.97
N GLN A 104 14.86 27.35 7.78
CA GLN A 104 14.53 26.35 8.80
C GLN A 104 15.46 25.13 8.79
N TRP A 105 15.73 24.59 7.60
CA TRP A 105 16.59 23.42 7.45
C TRP A 105 18.07 23.79 7.21
N GLY A 106 18.34 25.07 6.98
CA GLY A 106 19.69 25.52 6.67
C GLY A 106 19.96 25.51 5.17
N THR A 107 19.72 24.37 4.52
CA THR A 107 19.79 24.27 3.05
C THR A 107 18.66 23.46 2.46
N LEU A 108 18.44 23.64 1.15
CA LEU A 108 17.48 22.81 0.44
C LEU A 108 17.89 21.36 0.44
N ASP A 109 19.18 21.10 0.30
CA ASP A 109 19.65 19.73 0.34
C ASP A 109 19.33 19.02 1.69
N GLU A 110 19.45 19.73 2.81
CA GLU A 110 19.06 19.14 4.12
C GLU A 110 17.56 18.85 4.23
N PHE A 111 16.75 19.79 3.76
CA PHE A 111 15.32 19.55 3.60
C PHE A 111 15.04 18.26 2.80
N LYS A 112 15.65 18.14 1.63
CA LYS A 112 15.40 16.99 0.74
C LYS A 112 15.83 15.70 1.41
N ASN A 113 16.92 15.73 2.17
CA ASN A 113 17.37 14.53 2.89
C ASN A 113 16.37 14.04 3.94
N GLU A 114 15.77 14.97 4.69
CA GLU A 114 14.73 14.61 5.67
C GLU A 114 13.48 14.10 4.97
N PHE A 115 13.05 14.83 3.96
CA PHE A 115 11.90 14.43 3.13
C PHE A 115 12.10 13.00 2.56
N ALA A 116 13.26 12.78 1.97
CA ALA A 116 13.60 11.48 1.40
C ALA A 116 13.67 10.37 2.43
N ASN A 117 14.25 10.68 3.57
CA ASN A 117 14.31 9.69 4.61
C ASN A 117 12.88 9.25 5.03
N LYS A 118 12.01 10.22 5.26
CA LYS A 118 10.65 9.90 5.68
C LYS A 118 9.89 9.19 4.56
N ALA A 119 10.16 9.57 3.32
CA ALA A 119 9.47 8.95 2.16
C ALA A 119 9.90 7.49 1.98
N THR A 120 11.18 7.23 2.19
CA THR A 120 11.74 5.91 1.98
C THR A 120 11.45 4.94 3.13
N THR A 121 11.22 5.43 4.36
CA THR A 121 10.91 4.54 5.50
C THR A 121 9.39 4.34 5.72
N LEU A 122 8.55 5.04 4.97
CA LEU A 122 7.11 4.91 5.12
C LEU A 122 6.76 3.46 4.76
N PHE A 123 6.09 2.76 5.67
CA PHE A 123 5.81 1.36 5.50
C PHE A 123 4.39 1.17 5.02
N GLY A 124 4.25 0.50 3.89
CA GLY A 124 2.92 0.32 3.25
C GLY A 124 2.64 1.43 2.29
N SER A 125 1.35 1.71 2.11
CA SER A 125 0.90 2.76 1.19
C SER A 125 0.80 4.05 2.00
N GLY A 126 1.17 5.17 1.39
CA GLY A 126 0.91 6.50 1.99
C GLY A 126 1.55 7.65 1.22
N TRP A 127 1.70 8.78 1.89
CA TRP A 127 2.19 10.02 1.31
C TRP A 127 3.20 10.65 2.25
N THR A 128 4.18 11.34 1.71
CA THR A 128 5.01 12.22 2.49
C THR A 128 4.63 13.67 2.09
N TRP A 129 4.48 14.52 3.08
CA TRP A 129 4.00 15.88 2.90
C TRP A 129 4.94 16.93 3.51
N LEU A 130 5.04 18.08 2.81
CA LEU A 130 5.43 19.35 3.41
C LEU A 130 4.15 20.08 3.80
N VAL A 131 4.02 20.39 5.09
CA VAL A 131 2.86 21.12 5.60
C VAL A 131 3.23 22.40 6.31
N VAL A 132 2.25 23.29 6.46
CA VAL A 132 2.34 24.43 7.34
C VAL A 132 1.54 24.14 8.61
N ASN A 133 2.20 24.24 9.76
CA ASN A 133 1.59 24.01 11.07
C ASN A 133 1.78 25.28 11.90
N ASP A 134 0.74 26.10 11.95
CA ASP A 134 0.75 27.34 12.76
C ASP A 134 1.96 28.21 12.35
N GLY A 135 2.01 28.55 11.06
CA GLY A 135 3.10 29.36 10.49
C GLY A 135 4.41 28.65 10.17
N LYS A 136 4.64 27.44 10.70
CA LYS A 136 5.94 26.76 10.56
C LYS A 136 5.85 25.59 9.61
N LEU A 137 6.95 25.33 8.92
CA LEU A 137 7.04 24.24 7.98
C LEU A 137 7.43 22.94 8.71
N GLU A 138 6.81 21.85 8.29
CA GLU A 138 7.07 20.52 8.85
C GLU A 138 6.93 19.45 7.77
N ILE A 139 7.71 18.36 7.88
CA ILE A 139 7.57 17.18 7.00
C ILE A 139 6.90 16.07 7.80
N VAL A 140 5.77 15.59 7.32
CA VAL A 140 5.01 14.51 7.98
C VAL A 140 4.62 13.46 6.97
N THR A 141 4.39 12.23 7.42
CA THR A 141 3.81 11.23 6.54
C THR A 141 2.38 10.89 6.96
N THR A 142 1.57 10.42 6.02
CA THR A 142 0.27 9.83 6.34
C THR A 142 0.12 8.45 5.69
N PRO A 143 -0.66 7.55 6.32
CA PRO A 143 -0.92 6.26 5.70
C PRO A 143 -2.06 6.36 4.67
N ASN A 144 -2.02 5.48 3.68
CA ASN A 144 -3.13 5.30 2.72
C ASN A 144 -3.50 6.63 2.05
N GLN A 145 -4.74 7.09 2.17
CA GLN A 145 -5.12 8.40 1.66
C GLN A 145 -5.43 9.42 2.75
N ASP A 146 -4.93 9.22 3.97
CA ASP A 146 -5.09 10.20 5.02
C ASP A 146 -4.36 11.50 4.65
N ASN A 147 -4.92 12.64 5.05
CA ASN A 147 -4.33 13.93 4.72
C ASN A 147 -4.09 14.74 5.99
N PRO A 148 -2.93 15.48 6.08
CA PRO A 148 -2.69 16.27 7.27
C PRO A 148 -3.69 17.42 7.54
N LEU A 149 -4.45 17.80 6.50
CA LEU A 149 -5.49 18.82 6.65
C LEU A 149 -6.51 18.43 7.68
N THR A 150 -6.74 17.12 7.84
CA THR A 150 -7.67 16.59 8.84
C THR A 150 -7.18 16.86 10.27
N GLU A 151 -5.85 16.97 10.43
CA GLU A 151 -5.19 17.29 11.70
C GLU A 151 -4.88 18.77 11.86
N GLY A 152 -5.43 19.63 11.00
CA GLY A 152 -5.22 21.06 11.05
C GLY A 152 -3.90 21.54 10.49
N LYS A 153 -3.23 20.76 9.63
CA LYS A 153 -1.98 21.21 9.00
C LYS A 153 -2.20 21.30 7.52
N THR A 154 -1.79 22.41 6.90
CA THR A 154 -2.11 22.64 5.48
C THR A 154 -1.03 22.04 4.59
N PRO A 155 -1.39 21.09 3.74
CA PRO A 155 -0.38 20.49 2.88
C PRO A 155 -0.08 21.42 1.72
N ILE A 156 1.21 21.61 1.41
CA ILE A 156 1.62 22.43 0.25
C ILE A 156 2.42 21.70 -0.82
N LEU A 157 2.83 20.46 -0.54
CA LEU A 157 3.62 19.65 -1.41
C LEU A 157 3.47 18.23 -0.87
N GLY A 158 3.30 17.29 -1.78
CA GLY A 158 3.22 15.89 -1.40
C GLY A 158 3.86 14.99 -2.40
N LEU A 159 4.36 13.86 -1.90
CA LEU A 159 4.83 12.75 -2.72
C LEU A 159 4.03 11.48 -2.44
N ASP A 160 3.45 10.93 -3.50
CA ASP A 160 2.68 9.71 -3.42
C ASP A 160 3.66 8.55 -3.40
N VAL A 161 3.64 7.77 -2.34
CA VAL A 161 4.49 6.55 -2.26
C VAL A 161 3.72 5.23 -2.24
N TRP A 162 2.46 5.25 -2.66
CA TRP A 162 1.82 4.03 -3.11
C TRP A 162 2.63 3.45 -4.26
N GLU A 163 2.75 2.14 -4.26
CA GLU A 163 3.58 1.47 -5.25
C GLU A 163 3.07 1.72 -6.68
N HIS A 164 1.76 1.92 -6.84
CA HIS A 164 1.24 2.27 -8.21
C HIS A 164 1.89 3.55 -8.82
N ALA A 165 2.40 4.44 -7.95
CA ALA A 165 2.97 5.71 -8.41
C ALA A 165 4.35 5.56 -9.00
N TYR A 166 5.02 4.42 -8.74
CA TYR A 166 6.40 4.23 -9.17
C TYR A 166 6.79 2.84 -9.66
N TYR A 167 5.90 1.85 -9.52
CA TYR A 167 6.36 0.47 -9.72
C TYR A 167 6.70 0.17 -11.17
N LEU A 168 5.98 0.74 -12.14
CA LEU A 168 6.22 0.40 -13.54
C LEU A 168 7.61 0.80 -13.99
N LYS A 169 8.05 1.98 -13.59
CA LYS A 169 9.41 2.46 -13.97
C LYS A 169 10.52 2.01 -13.01
N TYR A 170 10.20 1.97 -11.72
CA TYR A 170 11.24 1.87 -10.66
C TYR A 170 11.22 0.57 -9.85
N GLN A 171 10.13 -0.20 -10.00
CA GLN A 171 9.87 -1.38 -9.22
C GLN A 171 10.12 -1.08 -7.72
N ASN A 172 10.88 -1.91 -7.03
CA ASN A 172 11.14 -1.67 -5.60
C ASN A 172 12.02 -0.46 -5.25
N LYS A 173 12.59 0.24 -6.24
CA LYS A 173 13.59 1.30 -6.01
C LYS A 173 12.94 2.62 -5.76
N ARG A 174 12.19 2.67 -4.66
CA ARG A 174 11.51 3.88 -4.24
C ARG A 174 12.48 5.10 -4.14
N PRO A 175 13.74 4.90 -3.67
CA PRO A 175 14.66 6.04 -3.58
C PRO A 175 15.00 6.72 -4.91
N ASP A 176 15.02 5.94 -5.98
CA ASP A 176 15.27 6.48 -7.33
C ASP A 176 14.08 7.32 -7.82
N TYR A 177 12.87 6.92 -7.45
CA TYR A 177 11.64 7.67 -7.70
C TYR A 177 11.63 9.00 -6.98
N MET A 178 12.05 8.96 -5.71
CA MET A 178 12.21 10.13 -4.90
C MET A 178 13.22 11.11 -5.52
N THR A 179 14.35 10.58 -5.96
CA THR A 179 15.37 11.38 -6.65
C THR A 179 14.80 12.08 -7.89
N ALA A 180 14.05 11.32 -8.68
CA ALA A 180 13.42 11.82 -9.91
C ALA A 180 12.49 13.00 -9.62
N PHE A 181 11.68 12.85 -8.57
CA PHE A 181 10.65 13.83 -8.18
C PHE A 181 11.15 15.24 -8.07
N TRP A 182 12.35 15.43 -7.49
CA TRP A 182 12.85 16.79 -7.25
C TRP A 182 12.99 17.57 -8.56
N ASN A 183 13.16 16.86 -9.66
CA ASN A 183 13.32 17.49 -10.98
C ASN A 183 12.04 18.10 -11.55
N ILE A 184 10.90 17.74 -10.97
CA ILE A 184 9.60 18.12 -11.50
C ILE A 184 8.64 18.72 -10.45
N VAL A 185 9.20 19.28 -9.37
CA VAL A 185 8.36 19.96 -8.42
C VAL A 185 8.01 21.34 -8.95
N ASN A 186 6.73 21.64 -8.91
CA ASN A 186 6.25 22.98 -9.25
C ASN A 186 6.36 23.90 -8.04
N TRP A 187 7.54 24.47 -7.84
CA TRP A 187 7.78 25.31 -6.69
C TRP A 187 6.95 26.62 -6.76
N LYS A 188 6.58 27.05 -7.96
CA LYS A 188 5.69 28.19 -8.11
C LYS A 188 4.32 27.92 -7.44
N LYS A 189 3.75 26.75 -7.75
CA LYS A 189 2.51 26.32 -7.10
C LYS A 189 2.70 26.12 -5.59
N VAL A 190 3.77 25.45 -5.19
CA VAL A 190 3.99 25.21 -3.75
C VAL A 190 4.07 26.57 -3.04
N ASP A 191 4.79 27.52 -3.63
CA ASP A 191 4.88 28.85 -3.06
C ASP A 191 3.52 29.52 -2.93
N GLU A 192 2.68 29.37 -3.95
CA GLU A 192 1.35 29.98 -3.93
CA GLU A 192 1.36 29.98 -3.94
C GLU A 192 0.57 29.43 -2.75
N LEU A 193 0.64 28.11 -2.59
CA LEU A 193 -0.05 27.39 -1.51
C LEU A 193 0.53 27.76 -0.15
N TYR A 194 1.83 27.99 -0.11
CA TYR A 194 2.51 28.40 1.12
C TYR A 194 2.14 29.81 1.57
N GLN A 195 2.20 30.76 0.63
CA GLN A 195 1.87 32.13 0.92
C GLN A 195 0.44 32.25 1.49
N ALA A 196 -0.50 31.47 0.97
CA ALA A 196 -1.89 31.45 1.50
C ALA A 196 -2.01 30.81 2.89
N ALA A 197 -1.21 29.79 3.20
CA ALA A 197 -1.36 29.03 4.45
C ALA A 197 -0.56 29.57 5.65
N LYS A 198 0.55 30.28 5.43
CA LYS A 198 1.51 30.64 6.51
C LYS A 198 0.99 31.58 7.63
N ALA B 1 20.53 -16.97 11.85
CA ALA B 1 19.91 -15.85 11.14
C ALA B 1 18.80 -16.43 10.29
N PHE B 2 17.74 -15.64 10.10
CA PHE B 2 16.67 -15.99 9.17
C PHE B 2 17.26 -15.99 7.73
N LYS B 3 16.68 -16.80 6.87
CA LYS B 3 17.19 -17.03 5.53
C LYS B 3 16.04 -16.91 4.60
N LEU B 4 16.31 -16.34 3.44
CA LEU B 4 15.32 -16.31 2.38
C LEU B 4 15.12 -17.74 1.83
N PRO B 5 13.90 -18.32 1.98
CA PRO B 5 13.63 -19.63 1.40
C PRO B 5 13.57 -19.56 -0.13
N ASN B 6 14.05 -20.61 -0.81
CA ASN B 6 13.91 -20.70 -2.27
C ASN B 6 12.46 -20.91 -2.60
N LEU B 7 12.05 -20.46 -3.78
CA LEU B 7 10.74 -20.86 -4.33
C LEU B 7 10.74 -22.39 -4.52
N PRO B 8 9.62 -23.07 -4.24
CA PRO B 8 9.58 -24.50 -4.50
C PRO B 8 9.24 -24.87 -5.95
N TYR B 9 9.40 -23.93 -6.88
CA TYR B 9 9.14 -24.14 -8.31
C TYR B 9 10.01 -23.13 -9.08
N ALA B 10 10.12 -23.29 -10.39
CA ALA B 10 10.84 -22.33 -11.24
C ALA B 10 10.16 -20.95 -11.23
N TYR B 11 10.92 -19.88 -11.45
CA TYR B 11 10.37 -18.49 -11.44
C TYR B 11 9.26 -18.28 -12.50
N ASP B 12 9.28 -19.08 -13.57
CA ASP B 12 8.21 -19.01 -14.61
C ASP B 12 7.13 -20.09 -14.50
N ALA B 13 7.08 -20.83 -13.40
CA ALA B 13 6.20 -22.01 -13.31
C ALA B 13 4.73 -21.66 -13.09
N LEU B 14 4.47 -20.43 -12.67
CA LEU B 14 3.14 -19.97 -12.39
C LEU B 14 2.55 -19.15 -13.55
N GLU B 15 3.30 -19.04 -14.65
CA GLU B 15 2.79 -18.46 -15.90
CA GLU B 15 2.75 -18.43 -15.86
C GLU B 15 1.65 -19.36 -16.42
N PRO B 16 0.62 -18.80 -17.07
CA PRO B 16 0.44 -17.40 -17.41
C PRO B 16 -0.29 -16.57 -16.35
N TYR B 17 -0.26 -17.00 -15.09
CA TYR B 17 -1.03 -16.39 -14.03
C TYR B 17 -0.21 -15.33 -13.29
N PHE B 18 0.94 -15.73 -12.73
CA PHE B 18 1.91 -14.80 -12.14
C PHE B 18 3.14 -14.81 -13.02
N ASP B 19 3.52 -13.62 -13.46
CA ASP B 19 4.60 -13.44 -14.42
C ASP B 19 5.99 -13.67 -13.79
N GLN B 20 6.93 -14.20 -14.58
CA GLN B 20 8.28 -14.49 -14.10
C GLN B 20 8.96 -13.26 -13.53
N ARG B 21 8.85 -12.15 -14.26
CA ARG B 21 9.51 -10.91 -13.85
C ARG B 21 9.09 -10.44 -12.43
N THR B 22 7.79 -10.49 -12.17
CA THR B 22 7.30 -10.18 -10.83
C THR B 22 7.74 -11.22 -9.80
N MET B 23 7.73 -12.51 -10.12
CA MET B 23 8.26 -13.51 -9.17
C MET B 23 9.70 -13.18 -8.76
N GLU B 24 10.48 -12.73 -9.73
CA GLU B 24 11.86 -12.30 -9.48
C GLU B 24 11.93 -11.11 -8.54
N PHE B 25 11.27 -10.00 -8.88
CA PHE B 25 11.27 -8.83 -7.97
C PHE B 25 10.69 -9.17 -6.61
N HIS B 26 9.58 -9.86 -6.61
CA HIS B 26 8.83 -10.10 -5.40
C HIS B 26 9.62 -10.96 -4.40
N HIS B 27 10.17 -12.08 -4.88
CA HIS B 27 10.99 -12.95 -4.04
C HIS B 27 12.42 -12.43 -3.82
N ASP B 28 13.10 -12.09 -4.90
CA ASP B 28 14.51 -11.72 -4.82
C ASP B 28 14.79 -10.34 -4.22
N LYS B 29 13.86 -9.40 -4.36
CA LYS B 29 14.00 -8.04 -3.82
C LYS B 29 13.13 -7.79 -2.61
N HIS B 30 11.80 -7.93 -2.74
CA HIS B 30 10.92 -7.56 -1.63
C HIS B 30 11.05 -8.52 -0.45
N HIS B 31 10.93 -9.83 -0.71
CA HIS B 31 11.07 -10.79 0.40
C HIS B 31 12.48 -10.72 0.98
N ASN B 32 13.46 -10.59 0.12
CA ASN B 32 14.83 -10.53 0.60
C ASN B 32 15.05 -9.37 1.54
N THR B 33 14.42 -8.23 1.24
CA THR B 33 14.58 -7.04 2.06
C THR B 33 14.02 -7.27 3.44
N TYR B 34 12.85 -7.91 3.52
CA TYR B 34 12.23 -8.20 4.83
C TYR B 34 13.12 -9.09 5.66
N VAL B 35 13.71 -10.12 5.05
CA VAL B 35 14.65 -10.99 5.77
C VAL B 35 15.83 -10.18 6.28
N THR B 36 16.39 -9.35 5.41
CA THR B 36 17.55 -8.54 5.82
C THR B 36 17.28 -7.63 7.03
N LYS B 37 16.17 -6.90 6.95
CA LYS B 37 15.83 -5.94 7.98
C LYS B 37 15.40 -6.64 9.27
N LEU B 38 14.73 -7.77 9.17
CA LEU B 38 14.45 -8.62 10.34
C LEU B 38 15.75 -9.01 11.02
N ASN B 39 16.72 -9.48 10.26
CA ASN B 39 18.00 -9.89 10.84
C ASN B 39 18.72 -8.73 11.46
N ALA B 40 18.67 -7.55 10.83
CA ALA B 40 19.32 -6.36 11.40
C ALA B 40 18.75 -6.02 12.78
N THR B 41 17.47 -6.25 12.95
CA THR B 41 16.80 -6.00 14.25
C THR B 41 17.14 -7.06 15.28
N VAL B 42 17.11 -8.32 14.85
CA VAL B 42 17.19 -9.46 15.75
C VAL B 42 18.64 -9.88 16.13
N GLU B 43 19.58 -9.72 15.19
CA GLU B 43 20.94 -10.24 15.36
C GLU B 43 21.64 -9.74 16.63
N GLY B 44 22.17 -10.69 17.38
CA GLY B 44 22.89 -10.41 18.63
C GLY B 44 21.99 -10.08 19.82
N THR B 45 20.66 -10.19 19.67
CA THR B 45 19.72 -9.89 20.77
C THR B 45 19.04 -11.18 21.27
N GLU B 46 18.27 -11.00 22.34
CA GLU B 46 17.35 -12.00 22.91
C GLU B 46 16.38 -12.62 21.88
N LEU B 47 16.06 -11.89 20.82
CA LEU B 47 15.16 -12.40 19.79
C LEU B 47 15.82 -13.47 18.90
N GLU B 48 17.15 -13.59 18.94
CA GLU B 48 17.88 -14.39 17.94
C GLU B 48 17.45 -15.85 17.84
N HIS B 49 17.22 -16.48 18.99
CA HIS B 49 16.84 -17.90 19.04
C HIS B 49 15.38 -18.03 19.53
N GLN B 50 14.52 -17.19 18.96
CA GLN B 50 13.07 -17.26 19.15
C GLN B 50 12.49 -17.57 17.76
N SER B 51 11.46 -18.42 17.71
CA SER B 51 10.83 -18.77 16.40
C SER B 51 10.02 -17.58 15.89
N LEU B 52 9.96 -17.44 14.58
CA LEU B 52 9.22 -16.34 13.98
C LEU B 52 7.72 -16.44 14.31
N ALA B 53 7.16 -17.65 14.25
CA ALA B 53 5.74 -17.84 14.58
C ALA B 53 5.41 -17.34 16.00
N ASP B 54 6.31 -17.64 16.94
CA ASP B 54 6.13 -17.21 18.33
C ASP B 54 6.15 -15.69 18.47
N MET B 55 7.12 -15.05 17.82
CA MET B 55 7.22 -13.60 17.84
C MET B 55 5.98 -12.91 17.25
N ILE B 56 5.50 -13.43 16.11
CA ILE B 56 4.31 -12.87 15.45
C ILE B 56 3.05 -13.08 16.33
N ALA B 57 2.87 -14.31 16.81
CA ALA B 57 1.80 -14.65 17.73
C ALA B 57 1.85 -13.80 19.00
N ASN B 58 3.04 -13.46 19.47
CA ASN B 58 3.21 -12.73 20.72
C ASN B 58 3.93 -11.41 20.49
N LEU B 59 3.49 -10.68 19.47
CA LEU B 59 4.11 -9.40 19.09
C LEU B 59 4.12 -8.32 20.23
N ASP B 60 3.07 -8.29 21.05
CA ASP B 60 2.97 -7.34 22.18
C ASP B 60 4.03 -7.54 23.24
N LYS B 61 4.66 -8.73 23.26
CA LYS B 61 5.75 -9.07 24.19
C LYS B 61 7.16 -8.76 23.64
N VAL B 62 7.28 -8.55 22.33
CA VAL B 62 8.57 -8.13 21.75
C VAL B 62 8.96 -6.76 22.34
N PRO B 63 10.23 -6.60 22.78
CA PRO B 63 10.61 -5.32 23.37
C PRO B 63 10.28 -4.13 22.49
N GLU B 64 9.80 -3.06 23.13
CA GLU B 64 9.27 -1.91 22.41
C GLU B 64 10.16 -1.43 21.28
N ALA B 65 11.47 -1.28 21.52
CA ALA B 65 12.36 -0.72 20.47
C ALA B 65 12.50 -1.60 19.21
N MET B 66 12.22 -2.90 19.34
CA MET B 66 12.30 -3.84 18.22
C MET B 66 10.93 -4.17 17.58
N ARG B 67 9.83 -3.77 18.22
CA ARG B 67 8.50 -4.33 17.87
C ARG B 67 8.01 -3.96 16.48
N MET B 68 8.21 -2.71 16.08
CA MET B 68 7.73 -2.27 14.74
C MET B 68 8.44 -3.06 13.64
N SER B 69 9.74 -3.25 13.77
CA SER B 69 10.49 -4.03 12.82
C SER B 69 10.11 -5.51 12.81
N VAL B 70 9.90 -6.11 13.97
CA VAL B 70 9.43 -7.49 14.00
C VAL B 70 8.04 -7.57 13.37
N ARG B 71 7.15 -6.66 13.73
CA ARG B 71 5.83 -6.61 13.07
C ARG B 71 5.89 -6.51 11.56
N ASN B 72 6.67 -5.56 11.06
CA ASN B 72 6.68 -5.22 9.65
C ASN B 72 7.58 -6.15 8.84
N ASN B 73 8.82 -6.28 9.27
CA ASN B 73 9.77 -7.15 8.59
C ASN B 73 9.60 -8.62 8.95
N GLY B 74 9.41 -8.93 10.22
CA GLY B 74 9.06 -10.31 10.61
C GLY B 74 7.78 -10.77 9.91
N GLY B 75 6.75 -9.90 9.94
CA GLY B 75 5.51 -10.14 9.22
C GLY B 75 5.75 -10.34 7.75
N GLY B 76 6.59 -9.50 7.15
CA GLY B 76 6.88 -9.67 5.74
C GLY B 76 7.52 -11.04 5.47
N HIS B 77 8.46 -11.43 6.32
CA HIS B 77 9.14 -12.73 6.13
C HIS B 77 8.13 -13.90 6.27
N PHE B 78 7.36 -13.87 7.36
CA PHE B 78 6.39 -14.92 7.66
C PHE B 78 5.38 -15.04 6.51
N ASN B 79 4.85 -13.90 6.10
CA ASN B 79 3.75 -13.85 5.10
C ASN B 79 4.17 -14.32 3.73
N HIS B 80 5.33 -13.86 3.27
CA HIS B 80 5.84 -14.28 1.99
C HIS B 80 6.27 -15.73 2.01
N SER B 81 6.79 -16.23 3.14
CA SER B 81 7.23 -17.64 3.21
C SER B 81 5.99 -18.56 3.07
N LEU B 82 4.91 -18.16 3.74
CA LEU B 82 3.63 -18.85 3.59
C LEU B 82 3.14 -18.76 2.13
N PHE B 83 3.12 -17.54 1.57
CA PHE B 83 2.63 -17.30 0.20
C PHE B 83 3.31 -18.24 -0.83
N TRP B 84 4.64 -18.30 -0.85
CA TRP B 84 5.32 -19.20 -1.83
C TRP B 84 4.88 -20.67 -1.74
N GLU B 85 4.65 -21.17 -0.52
CA GLU B 85 4.31 -22.57 -0.30
C GLU B 85 2.88 -22.89 -0.71
N ILE B 86 2.00 -21.91 -0.73
CA ILE B 86 0.60 -22.18 -1.09
C ILE B 86 0.30 -21.90 -2.55
N LEU B 87 1.33 -21.54 -3.33
CA LEU B 87 1.24 -21.56 -4.80
C LEU B 87 1.76 -22.87 -5.42
N SER B 88 1.21 -23.24 -6.59
CA SER B 88 1.66 -24.43 -7.29
C SER B 88 1.43 -24.31 -8.80
N PRO B 89 2.38 -24.84 -9.62
CA PRO B 89 2.13 -24.96 -11.05
C PRO B 89 1.18 -26.12 -11.41
N ASN B 90 0.74 -26.92 -10.43
CA ASN B 90 -0.15 -28.06 -10.71
C ASN B 90 -1.33 -28.10 -9.72
N SER B 91 -2.09 -27.00 -9.67
CA SER B 91 -3.18 -26.83 -8.72
C SER B 91 -4.31 -27.80 -8.97
N GLU B 92 -4.88 -28.29 -7.87
CA GLU B 92 -6.04 -29.15 -7.93
C GLU B 92 -6.99 -28.75 -6.81
N GLU B 93 -8.27 -28.52 -7.13
CA GLU B 93 -9.23 -28.05 -6.12
C GLU B 93 -9.84 -29.26 -5.44
N LYS B 94 -9.03 -29.89 -4.58
CA LYS B 94 -9.41 -31.11 -3.87
C LYS B 94 -8.74 -31.17 -2.52
N GLY B 95 -9.37 -31.89 -1.58
CA GLY B 95 -8.80 -32.09 -0.23
C GLY B 95 -9.82 -31.85 0.86
N GLY B 96 -9.47 -32.24 2.09
CA GLY B 96 -10.36 -32.08 3.25
C GLY B 96 -10.85 -30.65 3.44
N VAL B 97 -9.93 -29.69 3.35
CA VAL B 97 -10.28 -28.27 3.46
C VAL B 97 -11.27 -27.81 2.37
N ILE B 98 -11.12 -28.35 1.16
CA ILE B 98 -12.03 -28.06 0.07
C ILE B 98 -13.43 -28.55 0.42
N ASP B 99 -13.53 -29.77 0.94
CA ASP B 99 -14.82 -30.36 1.32
C ASP B 99 -15.53 -29.54 2.41
N ASP B 100 -14.75 -29.05 3.36
CA ASP B 100 -15.27 -28.28 4.48
C ASP B 100 -15.66 -26.86 4.02
N ILE B 101 -14.86 -26.27 3.13
CA ILE B 101 -15.26 -25.02 2.44
C ILE B 101 -16.61 -25.14 1.71
N LYS B 102 -16.78 -26.21 0.94
CA LYS B 102 -18.03 -26.48 0.22
C LYS B 102 -19.22 -26.68 1.16
N ALA B 103 -18.99 -27.40 2.25
CA ALA B 103 -20.00 -27.57 3.30
C ALA B 103 -20.38 -26.25 3.99
N GLN B 104 -19.40 -25.39 4.24
CA GLN B 104 -19.67 -24.11 4.92
C GLN B 104 -20.28 -23.02 4.02
N TRP B 105 -19.69 -22.82 2.84
CA TRP B 105 -20.10 -21.78 1.90
C TRP B 105 -21.15 -22.20 0.89
N GLY B 106 -21.44 -23.50 0.81
CA GLY B 106 -22.42 -24.04 -0.15
C GLY B 106 -21.73 -24.56 -1.38
N THR B 107 -20.93 -23.71 -2.02
CA THR B 107 -20.10 -24.05 -3.18
C THR B 107 -18.75 -23.37 -3.07
N LEU B 108 -17.82 -23.83 -3.88
CA LEU B 108 -16.50 -23.25 -3.92
C LEU B 108 -16.50 -21.86 -4.54
N ASP B 109 -17.34 -21.64 -5.54
CA ASP B 109 -17.51 -20.28 -6.12
C ASP B 109 -17.99 -19.27 -5.09
N GLU B 110 -18.86 -19.69 -4.17
CA GLU B 110 -19.35 -18.77 -3.15
C GLU B 110 -18.20 -18.34 -2.24
N PHE B 111 -17.39 -19.31 -1.84
CA PHE B 111 -16.20 -19.04 -1.06
C PHE B 111 -15.28 -18.07 -1.81
N LYS B 112 -15.04 -18.34 -3.09
CA LYS B 112 -14.08 -17.54 -3.87
C LYS B 112 -14.61 -16.13 -4.04
N ASN B 113 -15.93 -15.99 -4.20
CA ASN B 113 -16.52 -14.65 -4.39
C ASN B 113 -16.47 -13.82 -3.10
N GLU B 114 -16.68 -14.46 -1.94
CA GLU B 114 -16.44 -13.78 -0.65
C GLU B 114 -14.98 -13.38 -0.53
N PHE B 115 -14.08 -14.31 -0.85
CA PHE B 115 -12.64 -14.02 -0.74
C PHE B 115 -12.28 -12.85 -1.64
N ALA B 116 -12.76 -12.90 -2.88
CA ALA B 116 -12.45 -11.88 -3.84
C ALA B 116 -13.02 -10.52 -3.40
N ASN B 117 -14.22 -10.53 -2.81
CA ASN B 117 -14.87 -9.31 -2.34
C ASN B 117 -13.97 -8.65 -1.27
N LYS B 118 -13.50 -9.45 -0.32
CA LYS B 118 -12.66 -8.91 0.75
C LYS B 118 -11.31 -8.45 0.23
N ALA B 119 -10.73 -9.17 -0.72
CA ALA B 119 -9.44 -8.80 -1.30
C ALA B 119 -9.51 -7.51 -2.12
N THR B 120 -10.61 -7.30 -2.85
CA THR B 120 -10.71 -6.14 -3.73
C THR B 120 -11.10 -4.87 -2.97
N THR B 121 -11.73 -5.00 -1.78
CA THR B 121 -12.07 -3.84 -0.95
C THR B 121 -10.99 -3.49 0.08
N LEU B 122 -9.95 -4.31 0.21
CA LEU B 122 -8.86 -4.02 1.16
C LEU B 122 -8.17 -2.73 0.68
N PHE B 123 -8.21 -1.70 1.52
CA PHE B 123 -7.77 -0.39 1.12
C PHE B 123 -6.32 -0.17 1.55
N GLY B 124 -5.47 0.12 0.57
CA GLY B 124 -4.05 0.30 0.86
C GLY B 124 -3.35 -1.03 0.68
N SER B 125 -2.23 -1.21 1.37
CA SER B 125 -1.46 -2.45 1.31
C SER B 125 -1.97 -3.45 2.33
N GLY B 126 -1.92 -4.74 1.97
CA GLY B 126 -2.28 -5.79 2.91
C GLY B 126 -2.41 -7.20 2.34
N TRP B 127 -3.08 -8.06 3.11
CA TRP B 127 -3.23 -9.47 2.74
C TRP B 127 -4.68 -9.89 3.03
N THR B 128 -5.21 -10.78 2.19
CA THR B 128 -6.46 -11.48 2.49
C THR B 128 -6.17 -12.93 2.87
N TRP B 129 -6.79 -13.43 3.93
CA TRP B 129 -6.49 -14.74 4.50
C TRP B 129 -7.72 -15.62 4.66
N LEU B 130 -7.51 -16.92 4.44
CA LEU B 130 -8.36 -17.96 5.03
C LEU B 130 -7.70 -18.34 6.32
N VAL B 131 -8.44 -18.27 7.42
CA VAL B 131 -7.92 -18.68 8.74
C VAL B 131 -8.81 -19.73 9.38
N VAL B 132 -8.23 -20.43 10.36
CA VAL B 132 -8.97 -21.24 11.30
C VAL B 132 -9.07 -20.45 12.59
N ASN B 133 -10.30 -20.23 13.08
CA ASN B 133 -10.55 -19.50 14.31
C ASN B 133 -11.38 -20.40 15.19
N ASP B 134 -10.72 -21.02 16.16
CA ASP B 134 -11.35 -21.91 17.12
C ASP B 134 -12.13 -23.00 16.34
N GLY B 135 -11.42 -23.69 15.45
CA GLY B 135 -11.99 -24.80 14.67
C GLY B 135 -12.79 -24.43 13.41
N LYS B 136 -13.17 -23.15 13.25
CA LYS B 136 -14.04 -22.70 12.14
C LYS B 136 -13.22 -21.95 11.09
N LEU B 137 -13.64 -22.05 9.84
CA LEU B 137 -13.02 -21.31 8.74
C LEU B 137 -13.62 -19.91 8.60
N GLU B 138 -12.78 -18.97 8.24
CA GLU B 138 -13.13 -17.56 8.22
C GLU B 138 -12.20 -16.86 7.25
N ILE B 139 -12.72 -15.86 6.53
CA ILE B 139 -11.90 -15.02 5.63
C ILE B 139 -11.76 -13.67 6.30
N VAL B 140 -10.52 -13.19 6.44
CA VAL B 140 -10.23 -11.92 7.08
C VAL B 140 -9.12 -11.22 6.31
N THR B 141 -9.03 -9.91 6.45
CA THR B 141 -7.91 -9.15 5.87
C THR B 141 -7.00 -8.64 7.00
N THR B 142 -5.75 -8.30 6.64
CA THR B 142 -4.84 -7.59 7.51
C THR B 142 -4.17 -6.47 6.72
N PRO B 143 -3.83 -5.36 7.40
CA PRO B 143 -3.08 -4.30 6.73
C PRO B 143 -1.59 -4.57 6.68
N ASN B 144 -0.94 -4.07 5.64
CA ASN B 144 0.52 -4.03 5.59
C ASN B 144 1.07 -5.46 5.73
N GLN B 145 1.93 -5.76 6.72
CA GLN B 145 2.40 -7.16 6.90
C GLN B 145 1.88 -7.77 8.19
N ASP B 146 0.83 -7.18 8.75
CA ASP B 146 0.15 -7.80 9.88
C ASP B 146 -0.37 -9.20 9.51
N ASN B 147 -0.49 -10.06 10.52
CA ASN B 147 -0.81 -11.45 10.33
C ASN B 147 -1.89 -11.83 11.33
N PRO B 148 -2.85 -12.66 10.91
CA PRO B 148 -3.89 -13.08 11.86
C PRO B 148 -3.41 -13.87 13.09
N LEU B 149 -2.23 -14.49 13.01
CA LEU B 149 -1.64 -15.22 14.13
C LEU B 149 -1.55 -14.34 15.40
N THR B 150 -1.30 -13.04 15.21
CA THR B 150 -1.30 -12.04 16.27
C THR B 150 -2.63 -11.90 17.01
N GLU B 151 -3.74 -12.23 16.38
CA GLU B 151 -5.08 -12.15 17.02
C GLU B 151 -5.64 -13.54 17.35
N GLY B 152 -4.77 -14.53 17.39
CA GLY B 152 -5.12 -15.90 17.78
C GLY B 152 -5.72 -16.79 16.70
N LYS B 153 -5.49 -16.44 15.44
CA LYS B 153 -6.14 -17.12 14.30
C LYS B 153 -5.10 -17.68 13.36
N THR B 154 -5.17 -18.96 13.02
CA THR B 154 -4.12 -19.61 12.22
C THR B 154 -4.37 -19.45 10.69
N PRO B 155 -3.44 -18.78 9.99
CA PRO B 155 -3.58 -18.66 8.54
C PRO B 155 -3.21 -19.93 7.81
N ILE B 156 -4.04 -20.31 6.84
CA ILE B 156 -3.82 -21.50 6.01
C ILE B 156 -3.72 -21.17 4.51
N LEU B 157 -4.15 -19.95 4.14
CA LEU B 157 -4.05 -19.47 2.78
C LEU B 157 -4.02 -17.95 2.80
N GLY B 158 -3.13 -17.34 2.02
CA GLY B 158 -3.07 -15.88 1.92
C GLY B 158 -2.88 -15.41 0.49
N LEU B 159 -3.44 -14.24 0.18
CA LEU B 159 -3.20 -13.54 -1.06
C LEU B 159 -2.62 -12.17 -0.73
N ASP B 160 -1.45 -11.88 -1.29
CA ASP B 160 -0.82 -10.59 -1.15
C ASP B 160 -1.52 -9.60 -2.08
N VAL B 161 -2.07 -8.51 -1.56
CA VAL B 161 -2.63 -7.45 -2.41
C VAL B 161 -1.88 -6.14 -2.26
N TRP B 162 -0.61 -6.21 -1.80
CA TRP B 162 0.30 -5.10 -2.01
C TRP B 162 0.42 -4.94 -3.51
N GLU B 163 0.45 -3.70 -4.01
CA GLU B 163 0.51 -3.46 -5.47
C GLU B 163 1.77 -4.06 -6.13
N HIS B 164 2.91 -4.16 -5.43
CA HIS B 164 4.08 -4.85 -5.99
C HIS B 164 3.79 -6.31 -6.44
N ALA B 165 2.81 -6.96 -5.80
CA ALA B 165 2.46 -8.35 -6.11
C ALA B 165 1.79 -8.53 -7.50
N TYR B 166 1.17 -7.47 -8.01
CA TYR B 166 0.42 -7.54 -9.26
C TYR B 166 0.57 -6.39 -10.27
N TYR B 167 1.30 -5.33 -9.93
CA TYR B 167 1.27 -4.12 -10.76
C TYR B 167 1.92 -4.28 -12.13
N LEU B 168 2.98 -5.08 -12.21
CA LEU B 168 3.71 -5.17 -13.48
C LEU B 168 2.84 -5.81 -14.57
N LYS B 169 2.06 -6.82 -14.20
CA LYS B 169 1.20 -7.48 -15.19
C LYS B 169 -0.22 -6.92 -15.28
N TYR B 170 -0.79 -6.59 -14.13
CA TYR B 170 -2.21 -6.26 -14.01
C TYR B 170 -2.48 -4.77 -13.79
N GLN B 171 -1.44 -4.00 -13.46
CA GLN B 171 -1.60 -2.58 -13.06
C GLN B 171 -2.74 -2.43 -12.01
N ASN B 172 -3.71 -1.55 -12.25
CA ASN B 172 -4.81 -1.32 -11.33
C ASN B 172 -5.80 -2.48 -11.22
N LYS B 173 -5.71 -3.49 -12.09
CA LYS B 173 -6.73 -4.54 -12.18
C LYS B 173 -6.51 -5.65 -11.16
N ARG B 174 -6.61 -5.29 -9.89
CA ARG B 174 -6.49 -6.24 -8.84
C ARG B 174 -7.47 -7.41 -8.98
N PRO B 175 -8.69 -7.16 -9.50
CA PRO B 175 -9.61 -8.31 -9.65
C PRO B 175 -9.11 -9.36 -10.64
N ASP B 176 -8.39 -8.92 -11.68
CA ASP B 176 -7.82 -9.84 -12.67
C ASP B 176 -6.70 -10.72 -12.07
N TYR B 177 -5.90 -10.12 -11.20
CA TYR B 177 -4.91 -10.84 -10.40
C TYR B 177 -5.57 -11.88 -9.48
N MET B 178 -6.63 -11.44 -8.80
CA MET B 178 -7.39 -12.39 -7.97
C MET B 178 -7.89 -13.60 -8.79
N THR B 179 -8.50 -13.36 -9.94
CA THR B 179 -8.97 -14.43 -10.84
C THR B 179 -7.81 -15.37 -11.24
N ALA B 180 -6.64 -14.79 -11.52
CA ALA B 180 -5.47 -15.58 -11.87
C ALA B 180 -5.05 -16.53 -10.77
N PHE B 181 -4.98 -15.99 -9.55
CA PHE B 181 -4.55 -16.70 -8.36
C PHE B 181 -5.19 -18.05 -8.15
N TRP B 182 -6.51 -18.12 -8.40
CA TRP B 182 -7.21 -19.41 -8.15
C TRP B 182 -6.63 -20.56 -8.97
N ASN B 183 -6.06 -20.28 -10.14
CA ASN B 183 -5.47 -21.32 -11.02
C ASN B 183 -4.15 -21.93 -10.48
N ILE B 184 -3.59 -21.32 -9.44
CA ILE B 184 -2.28 -21.68 -8.93
C ILE B 184 -2.26 -21.86 -7.42
N VAL B 185 -3.40 -22.18 -6.80
CA VAL B 185 -3.42 -22.44 -5.35
C VAL B 185 -3.01 -23.90 -5.11
N ASN B 186 -2.07 -24.11 -4.18
CA ASN B 186 -1.69 -25.45 -3.77
C ASN B 186 -2.58 -25.89 -2.62
N TRP B 187 -3.73 -26.47 -2.97
CA TRP B 187 -4.71 -26.88 -1.97
C TRP B 187 -4.21 -28.01 -1.08
N LYS B 188 -3.26 -28.81 -1.56
CA LYS B 188 -2.62 -29.83 -0.72
C LYS B 188 -1.90 -29.23 0.48
N LYS B 189 -1.13 -28.19 0.22
CA LYS B 189 -0.43 -27.42 1.26
C LYS B 189 -1.42 -26.67 2.16
N VAL B 190 -2.48 -26.09 1.58
CA VAL B 190 -3.51 -25.45 2.41
C VAL B 190 -4.13 -26.50 3.34
N ASP B 191 -4.46 -27.66 2.78
CA ASP B 191 -5.07 -28.76 3.53
C ASP B 191 -4.18 -29.21 4.69
N GLU B 192 -2.86 -29.27 4.45
CA GLU B 192 -1.88 -29.65 5.48
C GLU B 192 -1.94 -28.67 6.65
N LEU B 193 -1.87 -27.37 6.33
CA LEU B 193 -1.97 -26.31 7.34
C LEU B 193 -3.32 -26.33 8.08
N TYR B 194 -4.39 -26.63 7.34
CA TYR B 194 -5.74 -26.79 7.89
C TYR B 194 -5.81 -27.90 8.92
N GLN B 195 -5.28 -29.07 8.59
CA GLN B 195 -5.32 -30.23 9.52
C GLN B 195 -4.50 -30.02 10.82
N ALA B 196 -3.36 -29.37 10.71
CA ALA B 196 -2.56 -28.96 11.88
C ALA B 196 -3.29 -28.01 12.84
N ALA B 197 -4.07 -27.06 12.30
CA ALA B 197 -4.73 -26.03 13.12
C ALA B 197 -6.18 -26.34 13.57
N LYS B 198 -6.79 -27.41 13.05
CA LYS B 198 -8.25 -27.57 13.09
C LYS B 198 -8.80 -27.79 14.50
MN MN C . -1.67 7.48 -6.21
MN MN D . 4.54 -8.96 -1.25
#